data_4A9O
#
_entry.id   4A9O
#
_cell.length_a   113.628
_cell.length_b   55.692
_cell.length_c   68.077
_cell.angle_alpha   90.00
_cell.angle_beta   94.00
_cell.angle_gamma   90.00
#
_symmetry.space_group_name_H-M   'C 1 2 1'
#
loop_
_entity.id
_entity.type
_entity.pdbx_description
1 polymer 'BROMODOMAIN CONTAINING 2'
2 non-polymer 1,2-ETHANEDIOL
3 non-polymer 5-ETHYL-3-METHYL-4-PHENYL-1,2-OXAZOLE
4 non-polymer 'SULFATE ION'
5 water water
#
_entity_poly.entity_id   1
_entity_poly.type   'polypeptide(L)'
_entity_poly.pdbx_seq_one_letter_code
;GSSHHHHHHSSGLVPRGSHMSNPKKPGRVTNQLQYLHKVVMKALWKHQFAWPFRQPVDAVKLGLPDYHKIIKQPMDMGTI
KRRLENNYYWAASECMQDFNTMFTNCYIYNKPTDDIVLMAQTLEKIFLQKVASMPQEEQELVVTIPKNSHKKGA
;
_entity_poly.pdbx_strand_id   A,B,C
#
loop_
_chem_comp.id
_chem_comp.type
_chem_comp.name
_chem_comp.formula
A9O non-polymer 5-ETHYL-3-METHYL-4-PHENYL-1,2-OXAZOLE 'C12 H13 N O'
EDO non-polymer 1,2-ETHANEDIOL 'C2 H6 O2'
SO4 non-polymer 'SULFATE ION' 'O4 S -2'
#
# COMPACT_ATOMS: atom_id res chain seq x y z
N ARG A 28 -15.68 10.75 -0.15
CA ARG A 28 -14.70 11.85 -0.38
C ARG A 28 -13.60 11.42 -1.33
N VAL A 29 -12.90 12.41 -1.89
CA VAL A 29 -11.65 12.18 -2.62
C VAL A 29 -10.52 12.72 -1.76
N THR A 30 -9.66 11.83 -1.26
CA THR A 30 -8.53 12.23 -0.41
C THR A 30 -7.20 11.78 -1.01
N ASN A 31 -6.10 12.36 -0.50
CA ASN A 31 -4.76 11.96 -0.92
C ASN A 31 -4.49 10.47 -0.68
N GLN A 32 -4.93 9.98 0.47
CA GLN A 32 -4.73 8.57 0.82
C GLN A 32 -5.55 7.64 -0.07
N LEU A 33 -6.80 7.99 -0.33
CA LEU A 33 -7.66 7.17 -1.18
C LEU A 33 -7.16 7.14 -2.63
N GLN A 34 -6.65 8.29 -3.09
CA GLN A 34 -6.02 8.35 -4.41
C GLN A 34 -4.81 7.43 -4.48
N TYR A 35 -4.03 7.41 -3.40
CA TYR A 35 -2.88 6.52 -3.32
C TYR A 35 -3.33 5.06 -3.38
N LEU A 36 -4.36 4.73 -2.62
CA LEU A 36 -4.89 3.36 -2.61
C LEU A 36 -5.42 2.94 -3.99
N HIS A 37 -5.99 3.89 -4.72
CA HIS A 37 -6.48 3.61 -6.08
C HIS A 37 -5.33 3.53 -7.07
N LYS A 38 -4.52 4.59 -7.15
CA LYS A 38 -3.51 4.73 -8.19
C LYS A 38 -2.25 3.88 -8.02
N VAL A 39 -1.93 3.53 -6.77
CA VAL A 39 -0.73 2.74 -6.48
C VAL A 39 -1.08 1.32 -6.05
N VAL A 40 -1.89 1.21 -5.00
CA VAL A 40 -2.18 -0.11 -4.41
C VAL A 40 -3.08 -0.95 -5.33
N MET A 41 -4.28 -0.47 -5.63
CA MET A 41 -5.18 -1.23 -6.50
C MET A 41 -4.57 -1.43 -7.90
N LYS A 42 -3.91 -0.40 -8.42
CA LYS A 42 -3.24 -0.49 -9.71
C LYS A 42 -2.30 -1.69 -9.77
N ALA A 43 -1.48 -1.84 -8.74
CA ALA A 43 -0.48 -2.91 -8.68
C ALA A 43 -1.13 -4.27 -8.50
N LEU A 44 -2.11 -4.35 -7.60
CA LEU A 44 -2.72 -5.64 -7.27
C LEU A 44 -3.67 -6.15 -8.35
N TRP A 45 -4.44 -5.25 -8.97
CA TRP A 45 -5.43 -5.66 -9.97
C TRP A 45 -4.81 -6.41 -11.15
N LYS A 46 -3.64 -5.96 -11.59
CA LYS A 46 -2.98 -6.51 -12.77
C LYS A 46 -2.00 -7.64 -12.46
N HIS A 47 -1.86 -7.98 -11.18
CA HIS A 47 -0.92 -9.00 -10.75
C HIS A 47 -1.34 -10.38 -11.29
N GLN A 48 -0.34 -11.21 -11.62
CA GLN A 48 -0.61 -12.53 -12.19
C GLN A 48 -1.36 -13.50 -11.26
N PHE A 49 -1.37 -13.21 -9.95
CA PHE A 49 -2.10 -14.01 -8.98
C PHE A 49 -3.43 -13.35 -8.57
N ALA A 50 -3.82 -12.25 -9.22
CA ALA A 50 -5.00 -11.49 -8.81
C ALA A 50 -6.32 -12.14 -9.24
N TRP A 51 -6.30 -12.94 -10.30
CA TRP A 51 -7.55 -13.38 -10.93
C TRP A 51 -8.62 -14.01 -10.00
N PRO A 52 -8.21 -14.83 -9.00
CA PRO A 52 -9.25 -15.39 -8.12
C PRO A 52 -9.94 -14.33 -7.24
N PHE A 53 -9.30 -13.18 -7.08
CA PHE A 53 -9.75 -12.12 -6.19
C PHE A 53 -10.45 -10.97 -6.90
N ARG A 54 -10.56 -11.04 -8.23
CA ARG A 54 -11.12 -9.92 -9.01
C ARG A 54 -12.65 -9.82 -8.97
N GLN A 55 -13.30 -10.87 -8.45
CA GLN A 55 -14.75 -10.92 -8.31
C GLN A 55 -15.07 -11.72 -7.05
N PRO A 56 -16.32 -11.61 -6.54
CA PRO A 56 -16.66 -12.40 -5.36
C PRO A 56 -16.47 -13.89 -5.56
N VAL A 57 -16.10 -14.58 -4.50
CA VAL A 57 -16.07 -16.04 -4.50
C VAL A 57 -17.47 -16.55 -4.87
N ASP A 58 -17.53 -17.38 -5.90
CA ASP A 58 -18.79 -17.94 -6.37
C ASP A 58 -18.89 -19.36 -5.82
N ALA A 59 -19.60 -19.50 -4.72
CA ALA A 59 -19.72 -20.78 -4.00
C ALA A 59 -20.40 -21.87 -4.83
N VAL A 60 -21.29 -21.48 -5.73
CA VAL A 60 -21.98 -22.44 -6.61
C VAL A 60 -21.00 -22.96 -7.68
N LYS A 61 -20.32 -22.03 -8.35
CA LYS A 61 -19.32 -22.37 -9.35
C LYS A 61 -18.22 -23.26 -8.78
N LEU A 62 -17.72 -22.92 -7.59
CA LEU A 62 -16.63 -23.66 -6.96
C LEU A 62 -17.08 -24.89 -6.17
N GLY A 63 -18.39 -25.05 -5.97
CA GLY A 63 -18.92 -26.19 -5.22
C GLY A 63 -18.55 -26.15 -3.75
N LEU A 64 -18.83 -25.00 -3.13
CA LEU A 64 -18.46 -24.76 -1.73
C LEU A 64 -19.70 -24.39 -0.93
N PRO A 65 -20.51 -25.40 -0.56
CA PRO A 65 -21.77 -25.13 0.15
C PRO A 65 -21.58 -24.60 1.57
N ASP A 66 -20.36 -24.67 2.10
CA ASP A 66 -20.04 -24.15 3.43
C ASP A 66 -19.39 -22.77 3.42
N TYR A 67 -19.07 -22.24 2.24
CA TYR A 67 -18.30 -20.99 2.17
C TYR A 67 -18.96 -19.84 2.94
N HIS A 68 -20.25 -19.60 2.70
CA HIS A 68 -20.95 -18.48 3.33
C HIS A 68 -21.39 -18.78 4.76
N LYS A 69 -21.28 -20.05 5.15
CA LYS A 69 -21.46 -20.43 6.54
C LYS A 69 -20.25 -20.00 7.37
N ILE A 70 -19.07 -20.10 6.77
CA ILE A 70 -17.81 -19.80 7.44
C ILE A 70 -17.40 -18.35 7.27
N ILE A 71 -17.56 -17.83 6.06
CA ILE A 71 -17.21 -16.44 5.73
C ILE A 71 -18.45 -15.55 5.69
N LYS A 72 -18.60 -14.73 6.73
CA LYS A 72 -19.81 -13.93 6.92
C LYS A 72 -19.76 -12.56 6.22
N GLN A 73 -18.55 -12.09 5.91
CA GLN A 73 -18.38 -10.84 5.18
C GLN A 73 -17.48 -11.06 3.96
N PRO A 74 -18.06 -11.58 2.86
CA PRO A 74 -17.26 -11.72 1.64
C PRO A 74 -16.70 -10.38 1.15
N MET A 75 -15.50 -10.42 0.58
CA MET A 75 -14.92 -9.22 -0.01
C MET A 75 -13.95 -9.63 -1.12
N ASP A 76 -13.82 -8.76 -2.10
CA ASP A 76 -13.02 -9.03 -3.30
C ASP A 76 -12.52 -7.71 -3.90
N MET A 77 -11.54 -7.79 -4.79
N MET A 77 -11.52 -7.81 -4.77
CA MET A 77 -10.94 -6.57 -5.34
CA MET A 77 -10.90 -6.64 -5.42
C MET A 77 -11.83 -5.86 -6.37
C MET A 77 -11.90 -5.86 -6.27
N GLY A 78 -12.76 -6.58 -7.00
CA GLY A 78 -13.73 -5.95 -7.90
C GLY A 78 -14.62 -4.97 -7.14
N THR A 79 -15.09 -5.42 -5.98
CA THR A 79 -15.91 -4.61 -5.08
C THR A 79 -15.12 -3.40 -4.56
N ILE A 80 -13.88 -3.62 -4.16
CA ILE A 80 -13.04 -2.53 -3.65
C ILE A 80 -12.74 -1.52 -4.78
N LYS A 81 -12.45 -2.03 -5.97
CA LYS A 81 -12.15 -1.18 -7.13
C LYS A 81 -13.34 -0.32 -7.51
N ARG A 82 -14.53 -0.94 -7.53
CA ARG A 82 -15.78 -0.21 -7.80
C ARG A 82 -16.01 0.87 -6.74
N ARG A 83 -15.79 0.51 -5.47
CA ARG A 83 -15.92 1.45 -4.36
C ARG A 83 -14.96 2.63 -4.47
N LEU A 84 -13.73 2.38 -4.90
CA LEU A 84 -12.76 3.47 -5.12
C LEU A 84 -13.19 4.36 -6.28
N GLU A 85 -13.62 3.74 -7.38
CA GLU A 85 -14.08 4.49 -8.56
C GLU A 85 -15.33 5.34 -8.28
N ASN A 86 -16.19 4.86 -7.38
CA ASN A 86 -17.46 5.53 -7.06
C ASN A 86 -17.41 6.47 -5.83
N ASN A 87 -16.21 6.71 -5.30
CA ASN A 87 -16.03 7.54 -4.09
C ASN A 87 -16.89 7.06 -2.91
N TYR A 88 -16.89 5.74 -2.71
CA TYR A 88 -17.68 5.11 -1.66
C TYR A 88 -17.06 5.32 -0.28
N TYR A 89 -15.74 5.30 -0.21
CA TYR A 89 -15.04 5.38 1.08
C TYR A 89 -14.90 6.82 1.60
N TRP A 90 -15.10 6.99 2.91
N TRP A 90 -15.08 6.98 2.91
CA TRP A 90 -14.88 8.29 3.54
CA TRP A 90 -14.92 8.26 3.58
C TRP A 90 -13.42 8.43 3.97
C TRP A 90 -13.50 8.44 4.15
N ALA A 91 -12.83 7.32 4.43
CA ALA A 91 -11.44 7.33 4.92
C ALA A 91 -10.67 6.20 4.26
N ALA A 92 -9.36 6.36 4.15
CA ALA A 92 -8.49 5.34 3.57
C ALA A 92 -8.47 4.07 4.41
N SER A 93 -8.57 4.23 5.73
CA SER A 93 -8.62 3.07 6.65
C SER A 93 -9.76 2.11 6.32
N GLU A 94 -10.90 2.66 5.88
N GLU A 94 -10.90 2.65 5.88
CA GLU A 94 -12.06 1.84 5.49
CA GLU A 94 -12.05 1.85 5.49
C GLU A 94 -11.76 0.94 4.29
C GLU A 94 -11.75 0.95 4.29
N CYS A 95 -11.03 1.49 3.32
CA CYS A 95 -10.58 0.72 2.15
C CYS A 95 -9.55 -0.33 2.56
N MET A 96 -8.63 0.06 3.42
CA MET A 96 -7.62 -0.86 3.94
C MET A 96 -8.26 -2.05 4.67
N GLN A 97 -9.32 -1.78 5.44
CA GLN A 97 -10.03 -2.86 6.13
C GLN A 97 -10.68 -3.83 5.15
N ASP A 98 -11.17 -3.34 4.01
CA ASP A 98 -11.77 -4.22 3.00
C ASP A 98 -10.70 -5.12 2.37
N PHE A 99 -9.55 -4.56 2.04
CA PHE A 99 -8.42 -5.37 1.59
C PHE A 99 -8.10 -6.45 2.63
N ASN A 100 -8.02 -6.04 3.89
CA ASN A 100 -7.69 -6.95 4.96
C ASN A 100 -8.69 -8.09 5.10
N THR A 101 -9.98 -7.74 5.07
CA THR A 101 -11.05 -8.74 5.11
C THR A 101 -10.94 -9.76 3.98
N MET A 102 -10.65 -9.28 2.78
CA MET A 102 -10.49 -10.17 1.62
C MET A 102 -9.41 -11.20 1.88
N PHE A 103 -8.25 -10.75 2.35
CA PHE A 103 -7.14 -11.66 2.59
C PHE A 103 -7.43 -12.61 3.76
N THR A 104 -7.96 -12.04 4.84
N THR A 104 -7.94 -12.06 4.87
CA THR A 104 -8.26 -12.80 6.05
CA THR A 104 -8.21 -12.89 6.05
C THR A 104 -9.29 -13.90 5.79
C THR A 104 -9.29 -13.95 5.76
N ASN A 105 -10.31 -13.60 4.98
CA ASN A 105 -11.32 -14.59 4.56
C ASN A 105 -10.66 -15.79 3.90
N CYS A 106 -9.69 -15.50 3.02
CA CYS A 106 -8.96 -16.53 2.31
C CYS A 106 -8.19 -17.45 3.26
N TYR A 107 -7.49 -16.85 4.23
CA TYR A 107 -6.69 -17.64 5.18
C TYR A 107 -7.58 -18.47 6.12
N ILE A 108 -8.73 -17.91 6.51
CA ILE A 108 -9.62 -18.60 7.44
C ILE A 108 -10.32 -19.79 6.76
N TYR A 109 -10.80 -19.58 5.54
CA TYR A 109 -11.58 -20.63 4.87
C TYR A 109 -10.73 -21.79 4.37
N ASN A 110 -9.60 -21.48 3.75
CA ASN A 110 -8.84 -22.50 3.02
C ASN A 110 -7.87 -23.28 3.88
N LYS A 111 -7.41 -24.42 3.34
CA LYS A 111 -6.42 -25.24 4.02
C LYS A 111 -5.05 -24.58 3.92
N PRO A 112 -4.21 -24.77 4.95
CA PRO A 112 -2.87 -24.17 4.99
C PRO A 112 -2.02 -24.38 3.72
N THR A 113 -2.17 -25.53 3.09
CA THR A 113 -1.33 -25.93 1.96
C THR A 113 -1.94 -25.62 0.59
N ASP A 114 -3.13 -25.02 0.57
CA ASP A 114 -3.79 -24.63 -0.68
C ASP A 114 -3.00 -23.53 -1.38
N ASP A 115 -2.88 -23.63 -2.71
CA ASP A 115 -2.19 -22.60 -3.48
C ASP A 115 -2.80 -21.21 -3.31
N ILE A 116 -4.11 -21.13 -3.13
CA ILE A 116 -4.77 -19.83 -3.02
C ILE A 116 -4.22 -19.02 -1.84
N VAL A 117 -3.82 -19.71 -0.77
CA VAL A 117 -3.22 -19.07 0.39
C VAL A 117 -1.89 -18.40 0.02
N LEU A 118 -1.08 -19.09 -0.77
N LEU A 118 -1.07 -19.10 -0.77
CA LEU A 118 0.18 -18.55 -1.25
CA LEU A 118 0.19 -18.54 -1.26
C LEU A 118 -0.05 -17.32 -2.13
C LEU A 118 -0.07 -17.30 -2.11
N MET A 119 -1.08 -17.37 -2.96
CA MET A 119 -1.43 -16.27 -3.84
C MET A 119 -1.88 -15.05 -3.04
N ALA A 120 -2.75 -15.28 -2.05
CA ALA A 120 -3.18 -14.22 -1.13
C ALA A 120 -1.99 -13.58 -0.41
N GLN A 121 -1.09 -14.41 0.13
CA GLN A 121 0.09 -13.91 0.84
C GLN A 121 0.95 -13.02 -0.05
N THR A 122 1.14 -13.44 -1.30
CA THR A 122 1.94 -12.67 -2.26
C THR A 122 1.32 -11.30 -2.53
N LEU A 123 0.01 -11.25 -2.72
CA LEU A 123 -0.71 -10.01 -2.95
C LEU A 123 -0.68 -9.13 -1.70
N GLU A 124 -0.87 -9.74 -0.53
CA GLU A 124 -0.93 -8.96 0.71
C GLU A 124 0.42 -8.34 1.06
N LYS A 125 1.51 -9.03 0.74
CA LYS A 125 2.85 -8.48 0.94
C LYS A 125 3.03 -7.21 0.12
N ILE A 126 2.54 -7.21 -1.12
CA ILE A 126 2.55 -6.00 -1.94
C ILE A 126 1.68 -4.90 -1.32
N PHE A 127 0.46 -5.26 -0.91
CA PHE A 127 -0.43 -4.35 -0.20
C PHE A 127 0.29 -3.64 0.94
N LEU A 128 0.95 -4.42 1.80
CA LEU A 128 1.63 -3.85 2.96
C LEU A 128 2.84 -3.01 2.57
N GLN A 129 3.61 -3.49 1.59
CA GLN A 129 4.76 -2.74 1.08
C GLN A 129 4.33 -1.36 0.58
N LYS A 130 3.24 -1.31 -0.17
N LYS A 130 3.24 -1.31 -0.17
CA LYS A 130 2.74 -0.05 -0.72
CA LYS A 130 2.74 -0.04 -0.72
C LYS A 130 2.12 0.83 0.37
C LYS A 130 2.11 0.83 0.36
N VAL A 131 1.38 0.20 1.29
CA VAL A 131 0.76 0.94 2.39
C VAL A 131 1.80 1.65 3.28
N ALA A 132 2.99 1.06 3.37
CA ALA A 132 4.12 1.68 4.09
C ALA A 132 4.49 3.06 3.58
N SER A 133 4.20 3.35 2.30
CA SER A 133 4.54 4.64 1.69
C SER A 133 3.32 5.54 1.42
N MET A 134 2.17 5.20 2.00
CA MET A 134 0.95 5.99 1.82
C MET A 134 1.08 7.34 2.55
N PRO A 135 0.49 8.41 1.99
CA PRO A 135 0.47 9.71 2.67
C PRO A 135 0.04 9.60 4.14
N GLN A 136 0.74 10.32 5.01
CA GLN A 136 0.59 10.16 6.47
C GLN A 136 -0.68 10.79 7.05
N GLU A 137 -1.08 11.94 6.51
CA GLU A 137 -2.31 12.61 6.94
C GLU A 137 -3.37 12.55 5.84
N GLU A 138 -4.62 12.27 6.22
CA GLU A 138 -5.72 12.27 5.26
C GLU A 138 -6.34 13.66 5.15
N GLN A 139 -6.60 14.08 3.91
CA GLN A 139 -7.23 15.38 3.66
C GLN A 139 -7.89 15.41 2.29
N GLU A 140 -9.08 16.02 2.23
CA GLU A 140 -9.89 16.05 1.02
C GLU A 140 -9.36 17.06 0.02
N LEU A 141 -9.45 16.72 -1.27
CA LEU A 141 -9.12 17.66 -2.35
C LEU A 141 -10.31 18.58 -2.58
N VAL A 142 -10.02 19.88 -2.70
CA VAL A 142 -11.06 20.93 -2.73
C VAL A 142 -12.17 20.65 -3.75
N THR B 30 14.62 4.50 12.14
CA THR B 30 13.96 5.52 11.27
C THR B 30 12.75 6.14 11.96
N ASN B 31 12.22 7.21 11.35
CA ASN B 31 10.99 7.83 11.81
C ASN B 31 9.81 6.86 11.82
N GLN B 32 9.73 5.99 10.81
CA GLN B 32 8.65 5.02 10.69
C GLN B 32 8.79 3.89 11.69
N LEU B 33 10.01 3.40 11.87
CA LEU B 33 10.28 2.32 12.83
C LEU B 33 9.98 2.76 14.26
N GLN B 34 10.32 4.02 14.58
N GLN B 34 10.32 4.02 14.60
CA GLN B 34 10.00 4.60 15.87
CA GLN B 34 9.99 4.57 15.90
C GLN B 34 8.48 4.65 16.09
C GLN B 34 8.48 4.66 16.10
N TYR B 35 7.76 5.00 15.04
CA TYR B 35 6.30 5.04 15.07
C TYR B 35 5.71 3.64 15.28
N LEU B 36 6.23 2.64 14.57
CA LEU B 36 5.76 1.26 14.73
C LEU B 36 5.98 0.74 16.17
N HIS B 37 7.07 1.20 16.79
CA HIS B 37 7.42 0.78 18.14
C HIS B 37 6.59 1.50 19.20
N LYS B 38 6.61 2.84 19.17
CA LYS B 38 6.04 3.65 20.24
C LYS B 38 4.55 3.96 20.09
N VAL B 39 4.01 3.87 18.87
CA VAL B 39 2.60 4.15 18.62
C VAL B 39 1.83 2.86 18.31
N VAL B 40 2.25 2.14 17.28
CA VAL B 40 1.52 0.95 16.84
C VAL B 40 1.66 -0.19 17.85
N MET B 41 2.89 -0.62 18.11
CA MET B 41 3.10 -1.76 19.01
C MET B 41 2.59 -1.50 20.44
N LYS B 42 2.78 -0.28 20.94
N LYS B 42 2.79 -0.28 20.93
CA LYS B 42 2.33 0.05 22.29
CA LYS B 42 2.34 0.11 22.26
C LYS B 42 0.83 -0.12 22.45
C LYS B 42 0.84 -0.13 22.43
N ALA B 43 0.07 0.35 21.47
CA ALA B 43 -1.39 0.23 21.47
C ALA B 43 -1.84 -1.23 21.42
N LEU B 44 -1.21 -2.02 20.54
CA LEU B 44 -1.54 -3.43 20.41
C LEU B 44 -1.18 -4.21 21.67
N TRP B 45 0.01 -3.95 22.21
CA TRP B 45 0.55 -4.74 23.33
C TRP B 45 -0.35 -4.73 24.56
N LYS B 46 -0.87 -3.56 24.89
CA LYS B 46 -1.69 -3.39 26.09
C LYS B 46 -3.14 -3.84 25.93
N HIS B 47 -3.55 -4.17 24.71
CA HIS B 47 -4.93 -4.56 24.42
C HIS B 47 -5.33 -5.83 25.18
N GLN B 48 -6.60 -5.91 25.56
CA GLN B 48 -7.12 -7.04 26.36
C GLN B 48 -7.08 -8.39 25.64
N PHE B 49 -6.98 -8.38 24.32
CA PHE B 49 -6.87 -9.61 23.53
C PHE B 49 -5.41 -9.92 23.11
N ALA B 50 -4.46 -9.11 23.56
CA ALA B 50 -3.07 -9.23 23.12
C ALA B 50 -2.26 -10.35 23.79
N TRP B 51 -2.67 -10.81 24.97
CA TRP B 51 -1.81 -11.71 25.76
C TRP B 51 -1.30 -12.98 25.03
N PRO B 52 -2.14 -13.63 24.19
CA PRO B 52 -1.61 -14.80 23.47
C PRO B 52 -0.52 -14.48 22.45
N PHE B 53 -0.41 -13.21 22.05
CA PHE B 53 0.47 -12.76 20.98
C PHE B 53 1.78 -12.12 21.46
N ARG B 54 1.96 -11.97 22.77
CA ARG B 54 3.13 -11.26 23.32
C ARG B 54 4.41 -12.11 23.40
N GLN B 55 4.29 -13.39 23.10
CA GLN B 55 5.42 -14.31 23.11
C GLN B 55 5.14 -15.41 22.09
N PRO B 56 6.18 -16.16 21.68
CA PRO B 56 5.96 -17.23 20.72
C PRO B 56 4.90 -18.24 21.18
N VAL B 57 4.18 -18.81 20.22
CA VAL B 57 3.29 -19.92 20.50
C VAL B 57 4.12 -21.07 21.07
N ASP B 58 3.74 -21.54 22.25
CA ASP B 58 4.43 -22.65 22.92
C ASP B 58 3.66 -23.93 22.63
N ALA B 59 4.10 -24.64 21.59
CA ALA B 59 3.41 -25.84 21.11
C ALA B 59 3.47 -27.00 22.12
N VAL B 60 4.51 -27.01 22.96
CA VAL B 60 4.65 -28.01 24.01
C VAL B 60 3.64 -27.76 25.13
N LYS B 61 3.62 -26.52 25.63
CA LYS B 61 2.71 -26.11 26.71
C LYS B 61 1.25 -26.27 26.30
N LEU B 62 0.93 -25.92 25.05
CA LEU B 62 -0.43 -26.05 24.52
C LEU B 62 -0.75 -27.48 24.04
N GLY B 63 0.26 -28.33 23.95
CA GLY B 63 0.05 -29.70 23.49
C GLY B 63 -0.40 -29.76 22.04
N LEU B 64 0.37 -29.12 21.17
CA LEU B 64 0.06 -29.03 19.74
C LEU B 64 1.25 -29.51 18.91
N PRO B 65 1.38 -30.85 18.73
CA PRO B 65 2.50 -31.42 17.98
C PRO B 65 2.53 -31.05 16.50
N ASP B 66 1.40 -30.60 15.95
CA ASP B 66 1.33 -30.24 14.54
C ASP B 66 1.54 -28.75 14.24
N TYR B 67 1.69 -27.92 15.29
CA TYR B 67 1.79 -26.48 15.07
C TYR B 67 2.97 -26.12 14.15
N HIS B 68 4.16 -26.61 14.48
CA HIS B 68 5.36 -26.28 13.69
C HIS B 68 5.46 -27.08 12.39
N LYS B 69 4.59 -28.07 12.21
CA LYS B 69 4.47 -28.77 10.92
C LYS B 69 3.62 -27.97 9.93
N ILE B 70 2.75 -27.12 10.45
CA ILE B 70 1.86 -26.30 9.64
C ILE B 70 2.36 -24.86 9.50
N ILE B 71 2.83 -24.29 10.61
CA ILE B 71 3.36 -22.93 10.63
C ILE B 71 4.89 -22.93 10.59
N LYS B 72 5.44 -22.58 9.44
CA LYS B 72 6.88 -22.69 9.18
C LYS B 72 7.67 -21.42 9.51
N GLN B 73 6.96 -20.30 9.67
CA GLN B 73 7.58 -19.05 10.09
C GLN B 73 6.82 -18.47 11.28
N PRO B 74 7.09 -19.00 12.48
CA PRO B 74 6.45 -18.46 13.68
C PRO B 74 6.80 -16.99 13.87
N MET B 75 5.83 -16.22 14.36
CA MET B 75 6.08 -14.82 14.68
C MET B 75 5.12 -14.37 15.78
N ASP B 76 5.58 -13.41 16.57
CA ASP B 76 4.83 -12.87 17.70
C ASP B 76 5.29 -11.45 18.01
N MET B 77 4.51 -10.71 18.80
N MET B 77 4.49 -10.73 18.80
CA MET B 77 4.83 -9.32 19.07
CA MET B 77 4.77 -9.33 19.14
C MET B 77 6.06 -9.14 19.97
C MET B 77 6.07 -9.17 19.93
N GLY B 78 6.35 -10.13 20.81
CA GLY B 78 7.57 -10.11 21.62
C GLY B 78 8.83 -10.14 20.77
N THR B 79 8.83 -11.01 19.76
CA THR B 79 9.93 -11.09 18.81
C THR B 79 10.06 -9.78 18.00
N ILE B 80 8.93 -9.25 17.55
CA ILE B 80 8.91 -8.00 16.80
C ILE B 80 9.41 -6.82 17.66
N LYS B 81 8.95 -6.75 18.90
CA LYS B 81 9.35 -5.70 19.84
C LYS B 81 10.86 -5.74 20.10
N ARG B 82 11.41 -6.93 20.30
CA ARG B 82 12.84 -7.12 20.52
C ARG B 82 13.63 -6.72 19.27
N ARG B 83 13.11 -7.05 18.10
CA ARG B 83 13.75 -6.67 16.83
C ARG B 83 13.77 -5.14 16.65
N LEU B 84 12.68 -4.49 17.05
CA LEU B 84 12.61 -3.02 17.04
C LEU B 84 13.62 -2.40 18.00
N GLU B 85 13.74 -2.99 19.19
CA GLU B 85 14.66 -2.49 20.23
C GLU B 85 16.13 -2.67 19.85
N ASN B 86 16.44 -3.74 19.12
CA ASN B 86 17.83 -4.06 18.74
C ASN B 86 18.19 -3.62 17.32
N ASN B 87 17.39 -2.73 16.73
CA ASN B 87 17.66 -2.18 15.40
C ASN B 87 17.88 -3.25 14.32
N TYR B 88 17.04 -4.28 14.36
CA TYR B 88 17.11 -5.39 13.40
C TYR B 88 16.57 -4.97 12.02
N TYR B 89 15.52 -4.15 12.00
CA TYR B 89 14.87 -3.78 10.74
C TYR B 89 15.63 -2.68 10.00
N TRP B 90 15.59 -2.76 8.67
CA TRP B 90 16.11 -1.70 7.81
C TRP B 90 15.01 -0.77 7.29
N ALA B 91 13.77 -1.27 7.25
CA ALA B 91 12.64 -0.48 6.76
C ALA B 91 11.36 -0.84 7.50
N ALA B 92 10.44 0.13 7.58
CA ALA B 92 9.13 -0.07 8.22
C ALA B 92 8.37 -1.25 7.60
N SER B 93 8.44 -1.37 6.28
N SER B 93 8.44 -1.37 6.28
CA SER B 93 7.76 -2.43 5.56
CA SER B 93 7.76 -2.44 5.56
C SER B 93 8.13 -3.82 6.09
C SER B 93 8.14 -3.82 6.08
N GLU B 94 9.41 -4.01 6.39
CA GLU B 94 9.92 -5.29 6.91
C GLU B 94 9.24 -5.65 8.23
N CYS B 95 9.12 -4.66 9.11
CA CYS B 95 8.45 -4.82 10.39
C CYS B 95 6.96 -5.11 10.22
N MET B 96 6.31 -4.36 9.31
CA MET B 96 4.90 -4.58 9.00
C MET B 96 4.64 -6.01 8.48
N GLN B 97 5.59 -6.55 7.71
CA GLN B 97 5.45 -7.91 7.20
C GLN B 97 5.46 -8.93 8.35
N ASP B 98 6.26 -8.68 9.37
CA ASP B 98 6.29 -9.56 10.54
C ASP B 98 4.95 -9.53 11.28
N PHE B 99 4.38 -8.35 11.47
CA PHE B 99 3.04 -8.24 12.04
C PHE B 99 2.07 -9.09 11.23
N ASN B 100 2.12 -8.94 9.90
CA ASN B 100 1.22 -9.68 9.02
C ASN B 100 1.41 -11.19 9.14
N THR B 101 2.66 -11.63 9.22
CA THR B 101 2.94 -13.06 9.37
C THR B 101 2.32 -13.60 10.65
N MET B 102 2.46 -12.85 11.74
CA MET B 102 1.86 -13.25 13.02
C MET B 102 0.35 -13.48 12.90
N PHE B 103 -0.36 -12.52 12.30
CA PHE B 103 -1.81 -12.64 12.14
C PHE B 103 -2.18 -13.77 11.19
N THR B 104 -1.50 -13.84 10.05
CA THR B 104 -1.77 -14.87 9.04
C THR B 104 -1.57 -16.27 9.59
N ASN B 105 -0.50 -16.47 10.37
CA ASN B 105 -0.24 -17.77 11.02
C ASN B 105 -1.45 -18.21 11.85
N CYS B 106 -1.99 -17.26 12.60
CA CYS B 106 -3.14 -17.51 13.45
C CYS B 106 -4.35 -17.96 12.63
N TYR B 107 -4.62 -17.26 11.54
CA TYR B 107 -5.77 -17.58 10.69
C TYR B 107 -5.60 -18.93 9.98
N ILE B 108 -4.37 -19.23 9.57
CA ILE B 108 -4.10 -20.44 8.81
C ILE B 108 -4.19 -21.69 9.69
N TYR B 109 -3.64 -21.64 10.90
CA TYR B 109 -3.57 -22.81 11.77
C TYR B 109 -4.89 -23.14 12.48
N ASN B 110 -5.58 -22.12 12.98
CA ASN B 110 -6.73 -22.34 13.84
C ASN B 110 -8.04 -22.56 13.08
N LYS B 111 -9.01 -23.13 13.77
CA LYS B 111 -10.34 -23.32 13.20
C LYS B 111 -11.02 -21.95 13.10
N PRO B 112 -11.83 -21.72 12.05
CA PRO B 112 -12.51 -20.44 11.86
C PRO B 112 -13.29 -19.95 13.08
N THR B 113 -13.86 -20.87 13.85
CA THR B 113 -14.73 -20.52 14.98
C THR B 113 -13.98 -20.37 16.31
N ASP B 114 -12.67 -20.58 16.31
CA ASP B 114 -11.86 -20.41 17.53
C ASP B 114 -11.81 -18.93 17.94
N ASP B 115 -11.91 -18.67 19.25
CA ASP B 115 -11.84 -17.31 19.77
C ASP B 115 -10.56 -16.57 19.39
N ILE B 116 -9.46 -17.31 19.29
CA ILE B 116 -8.16 -16.71 18.97
C ILE B 116 -8.20 -15.98 17.61
N VAL B 117 -8.99 -16.50 16.67
CA VAL B 117 -9.17 -15.86 15.37
C VAL B 117 -9.82 -14.48 15.51
N LEU B 118 -10.87 -14.39 16.33
N LEU B 118 -10.88 -14.40 16.32
CA LEU B 118 -11.54 -13.13 16.60
CA LEU B 118 -11.54 -13.12 16.61
C LEU B 118 -10.61 -12.14 17.29
C LEU B 118 -10.58 -12.14 17.28
N MET B 119 -9.77 -12.65 18.19
CA MET B 119 -8.79 -11.82 18.90
C MET B 119 -7.75 -11.27 17.93
N ALA B 120 -7.24 -12.11 17.02
CA ALA B 120 -6.32 -11.66 15.97
C ALA B 120 -6.95 -10.60 15.06
N GLN B 121 -8.19 -10.84 14.62
CA GLN B 121 -8.90 -9.90 13.74
C GLN B 121 -9.03 -8.52 14.38
N THR B 122 -9.34 -8.50 15.68
CA THR B 122 -9.51 -7.26 16.42
C THR B 122 -8.21 -6.48 16.49
N LEU B 123 -7.12 -7.18 16.80
CA LEU B 123 -5.80 -6.55 16.88
C LEU B 123 -5.32 -6.09 15.50
N GLU B 124 -5.57 -6.92 14.48
CA GLU B 124 -5.17 -6.61 13.11
C GLU B 124 -5.84 -5.32 12.61
N LYS B 125 -7.11 -5.13 12.97
CA LYS B 125 -7.83 -3.91 12.61
C LYS B 125 -7.18 -2.67 13.23
N ILE B 126 -6.76 -2.76 14.49
CA ILE B 126 -6.05 -1.67 15.15
C ILE B 126 -4.71 -1.41 14.46
N PHE B 127 -4.00 -2.49 14.12
CA PHE B 127 -2.73 -2.39 13.43
C PHE B 127 -2.86 -1.55 12.14
N LEU B 128 -3.85 -1.87 11.32
CA LEU B 128 -4.06 -1.15 10.06
C LEU B 128 -4.50 0.29 10.27
N GLN B 129 -5.36 0.50 11.27
CA GLN B 129 -5.81 1.85 11.63
C GLN B 129 -4.61 2.73 11.96
N LYS B 130 -3.72 2.21 12.81
CA LYS B 130 -2.55 2.96 13.24
C LYS B 130 -1.51 3.13 12.13
N VAL B 131 -1.33 2.09 11.31
CA VAL B 131 -0.39 2.15 10.19
C VAL B 131 -0.76 3.22 9.16
N ALA B 132 -2.05 3.47 9.01
CA ALA B 132 -2.53 4.49 8.07
C ALA B 132 -2.00 5.89 8.40
N SER B 133 -1.68 6.13 9.68
CA SER B 133 -1.19 7.45 10.11
C SER B 133 0.33 7.51 10.32
N MET B 134 1.04 6.48 9.90
CA MET B 134 2.51 6.44 9.99
C MET B 134 3.13 7.50 9.06
N PRO B 135 4.25 8.12 9.48
CA PRO B 135 4.98 9.04 8.61
C PRO B 135 5.31 8.45 7.24
N GLN B 136 5.12 9.24 6.18
CA GLN B 136 5.22 8.71 4.81
C GLN B 136 6.65 8.54 4.30
N GLU B 137 7.58 9.31 4.87
CA GLU B 137 8.96 9.41 4.37
C GLU B 137 9.02 10.02 2.97
N THR C 30 22.44 11.67 -29.77
CA THR C 30 21.27 11.72 -28.85
C THR C 30 21.64 11.29 -27.43
N ASN C 31 22.86 11.64 -27.01
CA ASN C 31 23.37 11.24 -25.70
C ASN C 31 22.66 11.92 -24.53
N GLN C 32 22.29 13.20 -24.70
CA GLN C 32 21.57 13.93 -23.67
C GLN C 32 20.19 13.35 -23.41
N LEU C 33 19.43 13.09 -24.48
CA LEU C 33 18.10 12.52 -24.36
C LEU C 33 18.13 11.08 -23.83
N GLN C 34 19.15 10.33 -24.23
CA GLN C 34 19.34 8.96 -23.71
C GLN C 34 19.60 9.01 -22.19
N TYR C 35 20.35 10.01 -21.75
CA TYR C 35 20.60 10.21 -20.31
C TYR C 35 19.32 10.60 -19.58
N LEU C 36 18.56 11.54 -20.14
CA LEU C 36 17.29 11.96 -19.55
C LEU C 36 16.30 10.79 -19.41
N HIS C 37 16.36 9.84 -20.35
CA HIS C 37 15.49 8.67 -20.31
C HIS C 37 16.04 7.60 -19.36
N LYS C 38 17.28 7.16 -19.59
CA LYS C 38 17.86 6.02 -18.88
C LYS C 38 18.39 6.34 -17.48
N VAL C 39 18.63 7.61 -17.18
CA VAL C 39 19.11 8.00 -15.85
C VAL C 39 18.08 8.84 -15.11
N VAL C 40 17.68 9.96 -15.70
CA VAL C 40 16.80 10.91 -15.02
C VAL C 40 15.39 10.33 -14.84
N MET C 41 14.75 9.93 -15.92
CA MET C 41 13.38 9.40 -15.83
C MET C 41 13.34 8.08 -15.06
N LYS C 42 14.35 7.23 -15.23
CA LYS C 42 14.41 5.97 -14.49
C LYS C 42 14.35 6.20 -12.98
N ALA C 43 15.12 7.18 -12.50
CA ALA C 43 15.16 7.51 -11.07
C ALA C 43 13.86 8.15 -10.59
N LEU C 44 13.33 9.09 -11.37
CA LEU C 44 12.12 9.82 -10.99
C LEU C 44 10.85 8.95 -11.05
N TRP C 45 10.72 8.14 -12.09
CA TRP C 45 9.52 7.32 -12.30
C TRP C 45 9.24 6.35 -11.15
N LYS C 46 10.30 5.74 -10.62
CA LYS C 46 10.18 4.74 -9.57
C LYS C 46 10.23 5.32 -8.16
N HIS C 47 10.44 6.64 -8.06
CA HIS C 47 10.49 7.31 -6.76
C HIS C 47 9.13 7.22 -6.08
N GLN C 48 9.12 7.12 -4.74
CA GLN C 48 7.87 6.92 -4.00
C GLN C 48 6.90 8.10 -4.12
N PHE C 49 7.42 9.29 -4.39
CA PHE C 49 6.60 10.50 -4.57
C PHE C 49 6.14 10.70 -6.02
N ALA C 50 6.50 9.79 -6.92
CA ALA C 50 6.16 9.92 -8.34
C ALA C 50 4.67 9.73 -8.65
N TRP C 51 3.98 8.95 -7.83
CA TRP C 51 2.63 8.45 -8.19
C TRP C 51 1.61 9.49 -8.68
N PRO C 52 1.54 10.69 -8.07
CA PRO C 52 0.55 11.65 -8.57
C PRO C 52 0.90 12.23 -9.94
N PHE C 53 2.16 12.06 -10.36
CA PHE C 53 2.67 12.65 -11.59
C PHE C 53 2.82 11.64 -12.74
N ARG C 54 2.47 10.38 -12.50
CA ARG C 54 2.63 9.34 -13.52
C ARG C 54 1.59 9.38 -14.64
N GLN C 55 0.49 10.11 -14.42
N GLN C 55 0.51 10.13 -14.44
CA GLN C 55 -0.55 10.29 -15.43
CA GLN C 55 -0.52 10.30 -15.46
C GLN C 55 -1.00 11.75 -15.41
C GLN C 55 -1.05 11.73 -15.39
N PRO C 56 -1.65 12.22 -16.49
CA PRO C 56 -2.19 13.58 -16.49
C PRO C 56 -3.21 13.79 -15.36
N VAL C 57 -3.25 15.02 -14.83
CA VAL C 57 -4.26 15.37 -13.84
C VAL C 57 -5.64 15.21 -14.47
N ASP C 58 -6.49 14.41 -13.83
CA ASP C 58 -7.87 14.22 -14.28
C ASP C 58 -8.77 15.13 -13.44
N ALA C 59 -9.01 16.33 -13.94
CA ALA C 59 -9.78 17.34 -13.21
C ALA C 59 -11.21 16.91 -12.89
N VAL C 60 -11.78 16.07 -13.75
CA VAL C 60 -13.13 15.57 -13.55
C VAL C 60 -13.16 14.56 -12.39
N LYS C 61 -12.28 13.56 -12.47
CA LYS C 61 -12.21 12.50 -11.45
C LYS C 61 -11.81 13.04 -10.08
N LEU C 62 -10.89 14.00 -10.05
CA LEU C 62 -10.44 14.60 -8.79
C LEU C 62 -11.42 15.64 -8.25
N GLY C 63 -12.42 16.03 -9.05
CA GLY C 63 -13.42 17.01 -8.62
C GLY C 63 -12.83 18.41 -8.52
N LEU C 64 -12.10 18.82 -9.57
CA LEU C 64 -11.41 20.10 -9.61
C LEU C 64 -11.75 20.86 -10.88
N PRO C 65 -12.95 21.45 -10.94
CA PRO C 65 -13.43 22.10 -12.18
C PRO C 65 -12.59 23.31 -12.62
N ASP C 66 -11.82 23.90 -11.71
CA ASP C 66 -11.00 25.07 -12.03
C ASP C 66 -9.59 24.75 -12.52
N TYR C 67 -9.20 23.47 -12.51
CA TYR C 67 -7.82 23.10 -12.82
C TYR C 67 -7.35 23.64 -14.18
N HIS C 68 -8.14 23.40 -15.23
CA HIS C 68 -7.75 23.81 -16.57
C HIS C 68 -8.08 25.28 -16.87
N LYS C 69 -8.78 25.93 -15.94
CA LYS C 69 -8.94 27.39 -16.00
C LYS C 69 -7.67 28.07 -15.50
N ILE C 70 -6.96 27.43 -14.58
CA ILE C 70 -5.77 27.99 -13.96
C ILE C 70 -4.49 27.52 -14.66
N ILE C 71 -4.42 26.22 -14.94
CA ILE C 71 -3.25 25.63 -15.60
C ILE C 71 -3.46 25.55 -17.11
N LYS C 72 -2.61 26.26 -17.86
CA LYS C 72 -2.78 26.41 -19.31
C LYS C 72 -2.17 25.25 -20.11
N GLN C 73 -1.06 24.70 -19.61
N GLN C 73 -1.03 24.73 -19.64
CA GLN C 73 -0.35 23.63 -20.30
CA GLN C 73 -0.36 23.61 -20.30
C GLN C 73 -0.07 22.46 -19.35
C GLN C 73 -0.09 22.47 -19.32
N PRO C 74 -1.02 21.50 -19.26
CA PRO C 74 -0.82 20.33 -18.41
C PRO C 74 0.39 19.51 -18.85
N MET C 75 1.09 18.92 -17.88
CA MET C 75 2.18 18.01 -18.18
C MET C 75 2.33 17.03 -17.03
N ASP C 76 2.85 15.85 -17.36
CA ASP C 76 3.00 14.76 -16.40
C ASP C 76 4.14 13.86 -16.87
N MET C 77 4.64 13.02 -15.96
CA MET C 77 5.75 12.12 -16.27
C MET C 77 5.39 10.98 -17.22
N GLY C 78 4.12 10.57 -17.22
CA GLY C 78 3.65 9.56 -18.16
C GLY C 78 3.84 10.02 -19.60
N THR C 79 3.44 11.27 -19.85
CA THR C 79 3.60 11.90 -21.15
C THR C 79 5.06 12.06 -21.53
N ILE C 80 5.87 12.54 -20.59
CA ILE C 80 7.30 12.72 -20.81
C ILE C 80 7.98 11.38 -21.10
N LYS C 81 7.63 10.36 -20.31
CA LYS C 81 8.19 9.02 -20.48
C LYS C 81 7.87 8.45 -21.87
N ARG C 82 6.62 8.57 -22.31
CA ARG C 82 6.22 8.12 -23.65
C ARG C 82 7.02 8.85 -24.72
N ARG C 83 7.15 10.17 -24.56
CA ARG C 83 7.88 11.00 -25.52
C ARG C 83 9.34 10.56 -25.64
N LEU C 84 9.97 10.26 -24.50
CA LEU C 84 11.34 9.77 -24.50
C LEU C 84 11.43 8.41 -25.20
N GLU C 85 10.50 7.51 -24.87
CA GLU C 85 10.47 6.18 -25.49
C GLU C 85 10.29 6.26 -27.01
N ASN C 86 9.49 7.22 -27.46
CA ASN C 86 9.13 7.34 -28.87
C ASN C 86 9.96 8.35 -29.67
N ASN C 87 11.06 8.85 -29.06
CA ASN C 87 11.97 9.79 -29.74
C ASN C 87 11.30 11.10 -30.16
N TYR C 88 10.30 11.53 -29.38
CA TYR C 88 9.55 12.75 -29.67
C TYR C 88 10.43 14.01 -29.66
N TYR C 89 11.35 14.09 -28.68
CA TYR C 89 12.13 15.31 -28.46
C TYR C 89 13.27 15.48 -29.46
N TRP C 90 13.56 16.73 -29.81
CA TRP C 90 14.71 17.09 -30.66
C TRP C 90 15.93 17.49 -29.85
N ALA C 91 15.69 18.14 -28.71
CA ALA C 91 16.77 18.61 -27.85
C ALA C 91 16.43 18.28 -26.41
N ALA C 92 17.47 18.09 -25.61
CA ALA C 92 17.30 17.83 -24.18
C ALA C 92 16.51 18.95 -23.50
N SER C 93 16.73 20.18 -23.93
CA SER C 93 16.03 21.36 -23.38
C SER C 93 14.51 21.19 -23.41
N GLU C 94 13.98 20.62 -24.50
CA GLU C 94 12.53 20.41 -24.64
C GLU C 94 11.97 19.51 -23.53
N CYS C 95 12.68 18.41 -23.28
CA CYS C 95 12.32 17.47 -22.23
C CYS C 95 12.43 18.14 -20.86
N MET C 96 13.53 18.87 -20.64
CA MET C 96 13.73 19.60 -19.39
C MET C 96 12.60 20.60 -19.14
N GLN C 97 12.16 21.30 -20.19
N GLN C 97 12.14 21.30 -20.18
CA GLN C 97 11.06 22.25 -20.09
CA GLN C 97 11.04 22.25 -20.00
C GLN C 97 9.75 21.58 -19.67
C GLN C 97 9.74 21.56 -19.64
N ASP C 98 9.50 20.37 -20.18
CA ASP C 98 8.30 19.61 -19.83
C ASP C 98 8.31 19.21 -18.35
N PHE C 99 9.44 18.69 -17.87
CA PHE C 99 9.60 18.45 -16.43
C PHE C 99 9.30 19.73 -15.64
N ASN C 100 9.92 20.83 -16.04
CA ASN C 100 9.71 22.11 -15.38
C ASN C 100 8.23 22.53 -15.33
N THR C 101 7.55 22.40 -16.47
CA THR C 101 6.13 22.77 -16.55
C THR C 101 5.30 21.93 -15.59
N MET C 102 5.57 20.62 -15.56
CA MET C 102 4.89 19.71 -14.64
C MET C 102 5.00 20.19 -13.20
N PHE C 103 6.22 20.46 -12.75
CA PHE C 103 6.44 20.89 -11.37
C PHE C 103 5.82 22.26 -11.12
N THR C 104 6.02 23.20 -12.05
CA THR C 104 5.48 24.55 -11.91
C THR C 104 3.95 24.55 -11.81
N ASN C 105 3.27 23.75 -12.63
CA ASN C 105 1.80 23.62 -12.56
C ASN C 105 1.36 23.23 -11.16
N CYS C 106 2.08 22.28 -10.57
CA CYS C 106 1.77 21.80 -9.23
C CYS C 106 1.89 22.92 -8.20
N TYR C 107 2.99 23.66 -8.27
CA TYR C 107 3.22 24.77 -7.33
C TYR C 107 2.18 25.88 -7.48
N ILE C 108 1.79 26.16 -8.72
CA ILE C 108 0.87 27.25 -9.00
C ILE C 108 -0.56 26.90 -8.55
N TYR C 109 -1.00 25.68 -8.84
CA TYR C 109 -2.39 25.29 -8.56
C TYR C 109 -2.67 25.02 -7.08
N ASN C 110 -1.74 24.35 -6.40
CA ASN C 110 -1.99 23.84 -5.06
C ASN C 110 -1.68 24.85 -3.96
N LYS C 111 -2.21 24.61 -2.77
CA LYS C 111 -1.90 25.44 -1.60
C LYS C 111 -0.48 25.16 -1.13
N PRO C 112 0.22 26.18 -0.57
CA PRO C 112 1.58 26.00 -0.10
C PRO C 112 1.76 24.84 0.89
N THR C 113 0.76 24.61 1.74
CA THR C 113 0.82 23.58 2.77
C THR C 113 0.41 22.18 2.32
N ASP C 114 -0.05 22.04 1.08
CA ASP C 114 -0.46 20.73 0.54
C ASP C 114 0.74 19.78 0.44
N ASP C 115 0.52 18.51 0.75
N ASP C 115 0.52 18.51 0.75
CA ASP C 115 1.57 17.49 0.72
CA ASP C 115 1.59 17.50 0.72
C ASP C 115 2.19 17.33 -0.67
C ASP C 115 2.19 17.33 -0.69
N ILE C 116 1.36 17.48 -1.71
CA ILE C 116 1.81 17.36 -3.10
C ILE C 116 2.92 18.37 -3.47
N VAL C 117 2.89 19.54 -2.85
CA VAL C 117 3.92 20.56 -3.08
C VAL C 117 5.28 20.09 -2.58
N LEU C 118 5.31 19.51 -1.37
CA LEU C 118 6.54 18.93 -0.83
C LEU C 118 7.05 17.79 -1.69
N MET C 119 6.12 16.98 -2.21
CA MET C 119 6.47 15.87 -3.09
C MET C 119 7.11 16.38 -4.38
N ALA C 120 6.52 17.40 -4.99
CA ALA C 120 7.08 18.03 -6.18
C ALA C 120 8.47 18.60 -5.91
N GLN C 121 8.63 19.29 -4.79
CA GLN C 121 9.92 19.88 -4.40
C GLN C 121 11.01 18.82 -4.31
N THR C 122 10.70 17.70 -3.68
CA THR C 122 11.64 16.60 -3.51
C THR C 122 12.07 16.02 -4.86
N LEU C 123 11.08 15.77 -5.73
CA LEU C 123 11.33 15.23 -7.06
C LEU C 123 12.13 16.20 -7.91
N GLU C 124 11.79 17.48 -7.86
CA GLU C 124 12.44 18.48 -8.69
C GLU C 124 13.91 18.66 -8.30
N LYS C 125 14.22 18.57 -7.01
CA LYS C 125 15.60 18.65 -6.56
C LYS C 125 16.42 17.50 -7.13
N ILE C 126 15.84 16.31 -7.17
CA ILE C 126 16.49 15.14 -7.78
C ILE C 126 16.68 15.36 -9.29
N PHE C 127 15.63 15.84 -9.96
CA PHE C 127 15.70 16.19 -11.38
C PHE C 127 16.86 17.11 -11.69
N LEU C 128 16.98 18.20 -10.94
CA LEU C 128 18.05 19.18 -11.18
C LEU C 128 19.43 18.61 -10.88
N GLN C 129 19.54 17.82 -9.81
CA GLN C 129 20.82 17.20 -9.47
C GLN C 129 21.31 16.33 -10.63
N LYS C 130 20.42 15.52 -11.17
CA LYS C 130 20.76 14.63 -12.28
C LYS C 130 21.07 15.40 -13.56
N VAL C 131 20.27 16.44 -13.84
CA VAL C 131 20.51 17.30 -15.00
C VAL C 131 21.90 17.94 -14.98
N ALA C 132 22.40 18.25 -13.78
CA ALA C 132 23.74 18.83 -13.63
C ALA C 132 24.85 17.90 -14.12
N SER C 133 24.61 16.58 -14.05
CA SER C 133 25.57 15.58 -14.50
C SER C 133 25.31 15.05 -15.91
N MET C 134 24.42 15.73 -16.63
CA MET C 134 24.07 15.34 -18.00
C MET C 134 25.25 15.63 -18.94
N PRO C 135 25.47 14.76 -19.94
CA PRO C 135 26.48 15.03 -20.98
C PRO C 135 26.19 16.30 -21.81
N GLN C 136 27.21 16.81 -22.50
CA GLN C 136 27.06 17.99 -23.36
C GLN C 136 26.19 17.67 -24.58
C1 EDO D . 7.08 -15.24 -13.74
O1 EDO D . 6.75 -14.39 -12.63
C2 EDO D . 5.81 -15.68 -14.44
O2 EDO D . 5.09 -14.52 -14.87
C5 A9O E . -10.28 -16.02 -3.37
C4 A9O E . -10.64 -17.39 -2.88
N A9O E . -10.71 -17.61 -1.60
O A9O E . -11.07 -18.98 -1.46
C6 A9O E . -10.93 -18.56 -3.61
C3 A9O E . -11.19 -19.51 -2.69
C2 A9O E . -11.56 -20.95 -2.75
C1 A9O E . -12.61 -21.34 -1.74
C7 A9O E . -10.96 -18.74 -5.09
C12 A9O E . -10.28 -19.80 -5.69
C11 A9O E . -10.37 -20.00 -7.06
C10 A9O E . -11.12 -19.14 -7.85
C9 A9O E . -11.80 -18.07 -7.27
C8 A9O E . -11.72 -17.88 -5.89
S SO4 F . -4.34 -12.16 -16.05
O1 SO4 F . -5.47 -12.78 -15.38
O2 SO4 F . -4.60 -12.05 -17.48
O3 SO4 F . -4.10 -10.83 -15.50
O4 SO4 F . -3.15 -12.99 -15.84
S SO4 G . -21.13 -1.78 -3.34
O1 SO4 G . -21.76 -3.07 -3.57
O2 SO4 G . -20.79 -1.17 -4.62
O3 SO4 G . -22.03 -0.91 -2.59
O4 SO4 G . -19.91 -1.97 -2.57
C1 EDO H . -14.09 -4.48 28.84
O1 EDO H . -12.72 -4.86 28.88
C2 EDO H . -14.74 -4.78 27.50
O2 EDO H . -14.09 -4.05 26.45
C5 A9O I . -1.47 -16.71 19.10
C4 A9O I . -1.95 -18.10 18.83
N A9O I . -2.05 -18.50 17.60
O A9O I . -2.54 -19.85 17.67
C6 A9O I . -2.33 -19.11 19.74
C3 A9O I . -2.68 -20.16 18.97
C2 A9O I . -3.18 -21.54 19.26
C1 A9O I . -2.37 -22.61 18.58
C7 A9O I . -2.37 -19.06 21.22
C12 A9O I . -3.52 -19.44 21.92
C11 A9O I . -3.53 -19.44 23.31
C10 A9O I . -2.39 -19.07 24.02
C9 A9O I . -1.24 -18.70 23.33
C8 A9O I . -1.23 -18.70 21.94
C5 A9O J . -0.16 16.41 -9.71
C4 A9O J . -1.29 17.12 -9.03
N A9O J . -1.37 18.41 -9.11
O A9O J . -2.54 18.78 -8.39
C6 A9O J . -2.36 16.58 -8.30
C3 A9O J . -3.10 17.65 -7.91
C2 A9O J . -4.35 17.83 -7.12
C1 A9O J . -4.82 19.26 -7.05
C7 A9O J . -2.65 15.15 -7.97
C12 A9O J . -2.83 14.74 -6.66
C11 A9O J . -3.27 13.44 -6.37
C10 A9O J . -3.53 12.55 -7.41
C9 A9O J . -3.35 12.95 -8.73
C8 A9O J . -2.91 14.25 -9.01
S SO4 K . 4.60 10.64 -29.16
O1 SO4 K . 4.01 9.32 -29.41
O2 SO4 K . 4.34 11.54 -30.28
O3 SO4 K . 4.00 11.21 -27.97
O4 SO4 K . 6.04 10.49 -28.98
#